data_8ACV
#
_entry.id   8ACV
#
_cell.length_a   45.321
_cell.length_b   83.097
_cell.length_c   144.318
_cell.angle_alpha   90.00
_cell.angle_beta   96.73
_cell.angle_gamma   90.00
#
_symmetry.space_group_name_H-M   'C 1 2 1'
#
loop_
_entity.id
_entity.type
_entity.pdbx_description
1 polymer Oxidoreductase
2 non-polymer '2-OXOGLUTARIC ACID'
3 non-polymer 'CHLORIDE ION'
4 non-polymer 'ZINC ION'
5 non-polymer GLYCEROL
6 non-polymer 'ACETATE ION'
7 water water
#
_entity_poly.entity_id   1
_entity_poly.type   'polypeptide(L)'
_entity_poly.pdbx_seq_one_letter_code
;MGSSHHHHHHSSGLVPRGSHMSNNTISTKPALHFLDINATEVKKYPTAIQDIIINRSFDGMIIRGVFPRDTMEQVARCLE
EGNDGGMKSILNKNEEFGTKVAQIYGHAIVGQSPDLKDYFASSAIFRQACRTMFQGSPDFEEQVESIFHSLSGLPVEIPT
GPEGQTYTPATIRLLLEGREIAVHVGNDFLLMPAANHLKTLLDLSDQLSYFIPLTVPEAGGELVVYNLEWNPQEVDKSAD
LHKYIDEVESKFKSNQSQSVAYAPGPGDMLLFNGGRYYHRVSEVIGNSPRRTIGGFLAFSKERNKIYYWS
;
_entity_poly.pdbx_strand_id   A,B
#
loop_
_chem_comp.id
_chem_comp.type
_chem_comp.name
_chem_comp.formula
ACT non-polymer 'ACETATE ION' 'C2 H3 O2 -1'
AKG non-polymer '2-OXOGLUTARIC ACID' 'C5 H6 O5'
CL non-polymer 'CHLORIDE ION' 'Cl -1'
GOL non-polymer GLYCEROL 'C3 H8 O3'
ZN non-polymer 'ZINC ION' 'Zn 2'
#
# COMPACT_ATOMS: atom_id res chain seq x y z
N ALA A 31 16.25 -11.31 -4.46
CA ALA A 31 17.58 -11.21 -3.89
C ALA A 31 17.57 -10.87 -2.39
N LEU A 32 16.59 -10.06 -1.93
CA LEU A 32 16.48 -9.66 -0.52
C LEU A 32 16.12 -10.85 0.37
N HIS A 33 16.94 -11.08 1.41
CA HIS A 33 16.74 -12.17 2.37
C HIS A 33 16.58 -11.61 3.78
N PHE A 34 15.49 -12.00 4.47
CA PHE A 34 15.17 -11.63 5.84
C PHE A 34 15.02 -12.87 6.72
N LEU A 35 15.12 -12.70 8.05
CA LEU A 35 14.99 -13.80 8.99
C LEU A 35 13.85 -13.53 9.96
N ASP A 36 13.05 -14.55 10.27
CA ASP A 36 11.94 -14.44 11.21
C ASP A 36 12.28 -15.24 12.45
N ILE A 37 12.83 -14.55 13.47
CA ILE A 37 13.24 -15.20 14.72
C ILE A 37 12.60 -14.52 15.94
N ASN A 38 12.59 -15.23 17.07
CA ASN A 38 12.05 -14.72 18.33
C ASN A 38 13.16 -14.10 19.17
N ALA A 39 12.82 -13.09 20.00
CA ALA A 39 13.76 -12.39 20.90
C ALA A 39 14.41 -13.31 21.93
N THR A 40 13.88 -14.54 22.09
CA THR A 40 14.43 -15.52 23.01
C THR A 40 15.57 -16.29 22.37
N GLU A 41 15.71 -16.20 21.03
CA GLU A 41 16.76 -16.90 20.30
C GLU A 41 17.74 -15.96 19.58
N VAL A 42 17.82 -14.68 20.02
CA VAL A 42 18.75 -13.68 19.48
C VAL A 42 20.21 -14.09 19.73
N LYS A 43 20.46 -14.75 20.88
CA LYS A 43 21.77 -15.24 21.31
C LYS A 43 22.24 -16.43 20.45
N LYS A 44 21.35 -16.93 19.57
CA LYS A 44 21.68 -18.01 18.64
C LYS A 44 22.24 -17.39 17.35
N TYR A 45 22.12 -16.04 17.19
CA TYR A 45 22.61 -15.31 16.03
C TYR A 45 23.60 -14.22 16.54
N PRO A 46 24.79 -14.60 17.07
CA PRO A 46 25.72 -13.59 17.63
C PRO A 46 26.44 -12.66 16.68
N THR A 47 26.40 -12.94 15.36
CA THR A 47 27.08 -12.13 14.35
C THR A 47 26.06 -11.57 13.33
N ALA A 48 24.79 -11.46 13.73
CA ALA A 48 23.73 -10.99 12.84
C ALA A 48 24.08 -9.63 12.22
N ILE A 49 24.35 -8.60 13.07
CA ILE A 49 24.68 -7.23 12.63
C ILE A 49 25.94 -7.23 11.72
N GLN A 50 26.91 -8.10 12.03
CA GLN A 50 28.11 -8.26 11.23
C GLN A 50 27.74 -8.79 9.83
N ASP A 51 26.87 -9.81 9.77
CA ASP A 51 26.42 -10.49 8.54
C ASP A 51 25.60 -9.60 7.61
N ILE A 52 24.89 -8.61 8.14
CA ILE A 52 24.09 -7.71 7.31
C ILE A 52 24.98 -6.61 6.74
N ILE A 53 25.73 -5.92 7.61
CA ILE A 53 26.59 -4.78 7.24
C ILE A 53 27.82 -5.19 6.44
N ILE A 54 28.65 -6.10 6.98
CA ILE A 54 29.92 -6.48 6.36
C ILE A 54 29.81 -7.64 5.37
N ASN A 55 29.35 -8.83 5.82
CA ASN A 55 29.22 -10.02 4.97
C ASN A 55 28.20 -9.84 3.86
N ARG A 56 27.10 -9.11 4.16
CA ARG A 56 25.96 -8.87 3.27
C ARG A 56 25.28 -10.19 2.83
N SER A 57 25.45 -11.24 3.66
CA SER A 57 24.90 -12.58 3.44
C SER A 57 23.36 -12.60 3.54
N PHE A 58 22.79 -11.75 4.40
CA PHE A 58 21.35 -11.53 4.52
C PHE A 58 21.11 -10.03 4.74
N ASP A 59 19.90 -9.52 4.46
CA ASP A 59 19.63 -8.08 4.47
C ASP A 59 18.74 -7.53 5.59
N GLY A 60 17.90 -8.37 6.18
CA GLY A 60 16.99 -7.93 7.22
C GLY A 60 16.68 -8.96 8.28
N MET A 61 16.02 -8.51 9.34
CA MET A 61 15.69 -9.34 10.48
C MET A 61 14.43 -8.87 11.18
N ILE A 62 13.47 -9.78 11.33
CA ILE A 62 12.24 -9.51 12.06
C ILE A 62 12.34 -10.32 13.36
N ILE A 63 12.51 -9.59 14.49
CA ILE A 63 12.69 -10.18 15.82
C ILE A 63 11.41 -10.02 16.65
N ARG A 64 10.64 -11.11 16.70
CA ARG A 64 9.35 -11.20 17.38
C ARG A 64 9.48 -11.17 18.91
N GLY A 65 8.59 -10.41 19.54
CA GLY A 65 8.48 -10.29 20.99
C GLY A 65 9.66 -9.70 21.73
N VAL A 66 10.22 -8.59 21.22
CA VAL A 66 11.33 -7.87 21.88
C VAL A 66 10.76 -7.20 23.14
N PHE A 67 9.60 -6.54 23.00
CA PHE A 67 8.84 -5.90 24.08
C PHE A 67 7.46 -6.56 24.15
N PRO A 68 6.91 -6.81 25.37
CA PRO A 68 5.57 -7.42 25.45
C PRO A 68 4.47 -6.50 24.90
N ARG A 69 3.37 -7.10 24.41
CA ARG A 69 2.18 -6.42 23.87
C ARG A 69 1.56 -5.41 24.86
N ASP A 70 1.54 -5.76 26.17
CA ASP A 70 1.00 -4.89 27.23
C ASP A 70 1.84 -3.64 27.43
N THR A 71 3.19 -3.80 27.37
CA THR A 71 4.18 -2.71 27.48
C THR A 71 3.98 -1.74 26.32
N MET A 72 3.72 -2.28 25.12
CA MET A 72 3.48 -1.49 23.91
C MET A 72 2.15 -0.76 24.00
N GLU A 73 1.12 -1.42 24.59
CA GLU A 73 -0.20 -0.85 24.82
C GLU A 73 -0.12 0.29 25.83
N GLN A 74 0.60 0.08 26.96
CA GLN A 74 0.79 1.09 28.01
C GLN A 74 1.52 2.34 27.53
N VAL A 75 2.60 2.19 26.72
CA VAL A 75 3.34 3.33 26.18
C VAL A 75 2.44 4.12 25.22
N ALA A 76 1.76 3.40 24.30
CA ALA A 76 0.81 4.00 23.35
C ALA A 76 -0.29 4.75 24.09
N ARG A 77 -0.81 4.18 25.20
CA ARG A 77 -1.82 4.82 26.02
C ARG A 77 -1.28 6.08 26.73
N CYS A 78 -0.01 6.07 27.15
CA CYS A 78 0.66 7.20 27.79
C CYS A 78 0.73 8.40 26.84
N LEU A 79 1.07 8.15 25.57
CA LEU A 79 1.17 9.16 24.52
C LEU A 79 -0.18 9.81 24.20
N GLU A 80 -1.19 9.00 23.83
CA GLU A 80 -2.51 9.50 23.43
C GLU A 80 -3.25 10.21 24.56
N GLU A 81 -2.98 9.84 25.83
CA GLU A 81 -3.63 10.47 26.96
C GLU A 81 -2.90 11.71 27.48
N GLY A 82 -1.62 11.83 27.16
CA GLY A 82 -0.79 12.96 27.55
C GLY A 82 0.06 12.76 28.79
N ASN A 83 -0.05 11.60 29.48
CA ASN A 83 0.77 11.27 30.65
C ASN A 83 2.01 10.56 30.10
N ASP A 84 2.78 11.31 29.29
CA ASP A 84 3.92 10.85 28.51
C ASP A 84 5.31 11.33 28.99
N GLY A 85 5.37 11.90 30.19
CA GLY A 85 6.62 12.42 30.77
C GLY A 85 7.18 13.62 30.04
N GLY A 86 6.30 14.37 29.38
CA GLY A 86 6.65 15.57 28.62
C GLY A 86 7.01 15.32 27.17
N MET A 87 6.71 14.10 26.65
CA MET A 87 7.00 13.66 25.26
C MET A 87 6.31 14.54 24.22
N LYS A 88 5.09 15.01 24.52
CA LYS A 88 4.29 15.88 23.65
C LYS A 88 4.95 17.26 23.40
N SER A 89 5.81 17.73 24.33
CA SER A 89 6.52 19.00 24.22
C SER A 89 7.57 19.00 23.09
N ILE A 90 8.02 17.80 22.68
CA ILE A 90 8.99 17.66 21.60
C ILE A 90 8.33 17.01 20.35
N LEU A 91 7.00 17.16 20.21
CA LEU A 91 6.29 16.62 19.04
C LEU A 91 6.43 17.56 17.86
N ASN A 92 6.95 17.03 16.74
CA ASN A 92 7.11 17.76 15.49
C ASN A 92 6.04 17.25 14.54
N LYS A 93 5.06 18.12 14.22
CA LYS A 93 3.95 17.78 13.35
C LYS A 93 4.38 17.63 11.88
N ASN A 94 5.54 18.24 11.51
CA ASN A 94 6.14 18.24 10.17
C ASN A 94 5.15 18.72 9.11
N GLU A 95 4.24 19.63 9.51
CA GLU A 95 3.19 20.19 8.68
C GLU A 95 3.73 20.90 7.44
N GLU A 96 4.97 21.42 7.50
CA GLU A 96 5.65 22.07 6.36
C GLU A 96 5.81 21.12 5.16
N PHE A 97 5.81 19.80 5.42
CA PHE A 97 5.88 18.73 4.42
C PHE A 97 4.45 18.26 4.05
N GLY A 98 4.34 17.22 3.24
CA GLY A 98 3.05 16.68 2.81
C GLY A 98 2.61 15.48 3.62
N THR A 99 1.93 14.53 2.94
CA THR A 99 1.43 13.29 3.56
C THR A 99 2.52 12.21 3.53
N LYS A 100 3.68 12.51 2.89
CA LYS A 100 4.81 11.61 2.63
C LYS A 100 5.86 11.51 3.77
N VAL A 101 5.52 12.06 4.95
CA VAL A 101 6.35 12.01 6.17
C VAL A 101 5.48 11.74 7.41
N ALA A 102 6.12 11.26 8.48
CA ALA A 102 5.49 11.02 9.76
C ALA A 102 5.62 12.24 10.68
N GLN A 103 4.75 12.32 11.70
CA GLN A 103 4.87 13.31 12.76
C GLN A 103 5.88 12.63 13.70
N ILE A 104 6.79 13.39 14.30
CA ILE A 104 7.83 12.73 15.08
C ILE A 104 8.03 13.36 16.49
N TYR A 105 8.09 12.48 17.52
CA TYR A 105 8.35 12.85 18.91
C TYR A 105 9.87 12.86 19.05
N GLY A 106 10.40 14.07 19.21
CA GLY A 106 11.84 14.36 19.24
C GLY A 106 12.32 14.71 17.85
N HIS A 107 13.47 15.38 17.71
CA HIS A 107 13.99 15.70 16.39
C HIS A 107 14.83 14.53 15.93
N ALA A 108 14.61 14.08 14.69
CA ALA A 108 15.42 13.02 14.11
C ALA A 108 16.63 13.71 13.51
N ILE A 109 17.80 13.03 13.49
CA ILE A 109 19.06 13.57 12.95
C ILE A 109 18.89 14.05 11.48
N VAL A 110 18.05 13.34 10.71
CA VAL A 110 17.72 13.58 9.31
C VAL A 110 17.00 14.93 9.09
N GLY A 111 17.65 15.82 8.36
CA GLY A 111 17.09 17.13 8.04
C GLY A 111 17.40 18.22 9.04
N GLN A 112 18.13 17.90 10.12
CA GLN A 112 18.51 18.87 11.13
C GLN A 112 19.60 19.80 10.61
N SER A 113 19.72 20.99 11.23
CA SER A 113 20.76 21.96 10.88
C SER A 113 22.10 21.43 11.44
N PRO A 114 23.25 21.73 10.80
CA PRO A 114 24.53 21.16 11.30
C PRO A 114 24.95 21.52 12.73
N ASP A 115 24.39 22.60 13.34
CA ASP A 115 24.71 23.02 14.71
C ASP A 115 24.23 22.02 15.77
N LEU A 116 23.06 21.39 15.53
CA LEU A 116 22.39 20.35 16.33
C LEU A 116 21.96 20.82 17.75
N LYS A 117 21.86 22.14 17.97
CA LYS A 117 21.45 22.74 19.26
C LYS A 117 20.06 22.23 19.66
N ASP A 118 19.06 22.40 18.76
CA ASP A 118 17.68 21.93 19.00
C ASP A 118 17.64 20.41 19.11
N TYR A 119 18.43 19.69 18.27
CA TYR A 119 18.50 18.22 18.26
C TYR A 119 18.90 17.64 19.61
N PHE A 120 20.03 18.10 20.16
CA PHE A 120 20.57 17.67 21.45
C PHE A 120 19.67 17.99 22.63
N ALA A 121 18.94 19.14 22.59
CA ALA A 121 18.01 19.50 23.65
C ALA A 121 16.80 18.55 23.67
N SER A 122 16.24 18.23 22.48
CA SER A 122 15.12 17.30 22.36
C SER A 122 15.57 15.86 22.70
N SER A 123 16.81 15.48 22.36
CA SER A 123 17.40 14.18 22.69
C SER A 123 17.35 13.87 24.19
N ALA A 124 17.71 14.86 25.03
CA ALA A 124 17.69 14.74 26.50
C ALA A 124 16.25 14.61 27.01
N ILE A 125 15.31 15.40 26.46
CA ILE A 125 13.88 15.36 26.80
C ILE A 125 13.30 13.99 26.41
N PHE A 126 13.69 13.47 25.24
CA PHE A 126 13.25 12.17 24.72
C PHE A 126 13.63 11.04 25.67
N ARG A 127 14.93 10.92 26.00
CA ARG A 127 15.49 9.87 26.85
C ARG A 127 14.78 9.74 28.17
N GLN A 128 14.50 10.87 28.82
CA GLN A 128 13.82 10.95 30.12
C GLN A 128 12.34 10.52 30.01
N ALA A 129 11.61 11.13 29.06
CA ALA A 129 10.18 10.87 28.81
C ALA A 129 9.94 9.42 28.36
N CYS A 130 10.86 8.87 27.55
CA CYS A 130 10.81 7.49 27.06
C CYS A 130 11.04 6.51 28.24
N ARG A 131 12.04 6.81 29.09
CA ARG A 131 12.42 6.02 30.27
C ARG A 131 11.27 5.97 31.27
N THR A 132 10.55 7.09 31.42
CA THR A 132 9.38 7.23 32.29
C THR A 132 8.20 6.37 31.80
N MET A 133 7.89 6.42 30.50
CA MET A 133 6.77 5.66 29.90
C MET A 133 6.93 4.14 29.97
N PHE A 134 8.15 3.63 29.70
CA PHE A 134 8.46 2.19 29.70
C PHE A 134 8.46 1.57 31.09
N GLN A 135 8.68 2.41 32.13
CA GLN A 135 8.66 2.04 33.56
C GLN A 135 9.58 0.86 33.92
N GLY A 136 10.58 0.60 33.09
CA GLY A 136 11.50 -0.52 33.28
C GLY A 136 10.78 -1.86 33.20
N SER A 137 9.77 -1.95 32.28
CA SER A 137 8.97 -3.16 32.10
C SER A 137 8.95 -3.72 30.65
N PRO A 138 10.08 -3.87 29.91
CA PRO A 138 11.46 -3.48 30.24
C PRO A 138 11.79 -2.05 29.82
N ASP A 139 12.93 -1.52 30.29
CA ASP A 139 13.36 -0.19 29.89
C ASP A 139 13.76 -0.26 28.42
N PHE A 140 13.26 0.67 27.60
CA PHE A 140 13.50 0.72 26.16
C PHE A 140 14.99 0.66 25.79
N GLU A 141 15.81 1.54 26.40
CA GLU A 141 17.25 1.63 26.13
C GLU A 141 18.01 0.36 26.46
N GLU A 142 17.84 -0.18 27.67
CA GLU A 142 18.57 -1.40 28.03
C GLU A 142 18.08 -2.64 27.28
N GLN A 143 16.76 -2.74 26.94
CA GLN A 143 16.24 -3.91 26.22
C GLN A 143 16.87 -4.00 24.84
N VAL A 144 16.72 -2.92 24.05
CA VAL A 144 17.26 -2.76 22.71
C VAL A 144 18.78 -2.99 22.67
N GLU A 145 19.53 -2.35 23.60
CA GLU A 145 20.98 -2.49 23.72
C GLU A 145 21.36 -3.96 23.96
N SER A 146 20.58 -4.69 24.78
CA SER A 146 20.85 -6.11 25.05
C SER A 146 20.56 -6.95 23.80
N ILE A 147 19.67 -6.44 22.90
CA ILE A 147 19.35 -7.10 21.63
C ILE A 147 20.54 -6.90 20.67
N PHE A 148 20.93 -5.62 20.41
CA PHE A 148 22.06 -5.31 19.52
C PHE A 148 23.37 -5.98 20.01
N HIS A 149 23.55 -6.08 21.33
CA HIS A 149 24.70 -6.74 21.95
C HIS A 149 24.63 -8.25 21.74
N SER A 150 23.41 -8.82 21.77
CA SER A 150 23.23 -10.26 21.55
C SER A 150 23.51 -10.64 20.09
N LEU A 151 23.25 -9.70 19.15
CA LEU A 151 23.48 -9.92 17.73
C LEU A 151 24.92 -9.61 17.25
N SER A 152 25.75 -8.99 18.12
CA SER A 152 27.11 -8.59 17.78
C SER A 152 28.20 -9.15 18.70
N GLY A 153 27.98 -9.11 20.01
CA GLY A 153 28.98 -9.50 21.01
C GLY A 153 29.84 -8.30 21.37
N LEU A 154 29.47 -7.11 20.83
CA LEU A 154 30.14 -5.83 21.01
C LEU A 154 29.34 -4.92 21.94
N PRO A 155 29.98 -3.97 22.66
CA PRO A 155 29.20 -3.05 23.51
C PRO A 155 28.36 -2.08 22.68
N VAL A 156 27.14 -1.77 23.16
CA VAL A 156 26.20 -0.89 22.46
C VAL A 156 26.07 0.43 23.21
N GLU A 157 26.25 1.55 22.48
CA GLU A 157 26.19 2.88 23.05
C GLU A 157 25.43 3.85 22.20
N ILE A 158 24.93 4.92 22.84
CA ILE A 158 24.25 6.04 22.17
C ILE A 158 25.39 7.05 21.93
N PRO A 159 25.70 7.44 20.66
CA PRO A 159 26.80 8.38 20.45
C PRO A 159 26.64 9.73 21.19
N THR A 160 27.78 10.36 21.50
CA THR A 160 27.84 11.65 22.18
C THR A 160 28.34 12.73 21.22
N GLY A 161 27.81 13.93 21.40
CA GLY A 161 28.13 15.10 20.60
C GLY A 161 29.52 15.66 20.84
N PRO A 162 29.89 16.77 20.16
CA PRO A 162 31.24 17.32 20.33
C PRO A 162 31.52 17.89 21.71
N GLU A 163 30.48 18.38 22.41
CA GLU A 163 30.60 18.93 23.76
C GLU A 163 30.00 17.99 24.82
N GLY A 164 29.90 16.71 24.48
CA GLY A 164 29.41 15.65 25.37
C GLY A 164 27.91 15.56 25.51
N GLN A 165 27.17 16.10 24.54
CA GLN A 165 25.70 16.08 24.52
C GLN A 165 25.26 14.70 24.09
N THR A 166 24.07 14.25 24.48
CA THR A 166 23.64 12.93 24.03
C THR A 166 22.81 13.03 22.75
N TYR A 167 23.02 12.07 21.85
CA TYR A 167 22.19 11.94 20.64
C TYR A 167 20.95 11.20 21.15
N THR A 168 19.83 11.25 20.42
CA THR A 168 18.64 10.50 20.85
C THR A 168 18.78 9.02 20.46
N PRO A 169 18.46 8.04 21.35
CA PRO A 169 18.59 6.62 20.95
C PRO A 169 17.58 6.23 19.87
N ALA A 170 16.42 6.91 19.88
CA ALA A 170 15.29 6.69 19.00
C ALA A 170 14.38 7.91 18.98
N THR A 171 13.34 7.88 18.15
N THR A 171 13.34 7.88 18.15
CA THR A 171 12.27 8.87 18.03
CA THR A 171 12.27 8.87 18.03
C THR A 171 10.97 8.11 17.83
C THR A 171 10.97 8.11 17.83
N ILE A 172 9.82 8.73 18.14
CA ILE A 172 8.52 8.10 17.96
C ILE A 172 7.86 8.70 16.73
N ARG A 173 7.61 7.85 15.72
CA ARG A 173 7.00 8.22 14.45
C ARG A 173 5.52 7.90 14.56
N LEU A 174 4.68 8.93 14.37
CA LEU A 174 3.23 8.86 14.40
C LEU A 174 2.76 9.07 12.97
N LEU A 175 2.10 8.06 12.43
CA LEU A 175 1.63 8.03 11.06
C LEU A 175 0.13 7.88 11.08
N LEU A 176 -0.55 8.98 10.72
CA LEU A 176 -2.00 9.07 10.71
C LEU A 176 -2.57 8.50 9.41
N GLU A 177 -3.91 8.45 9.33
CA GLU A 177 -4.64 7.96 8.16
C GLU A 177 -4.35 8.85 6.95
N GLY A 178 -4.02 8.22 5.84
CA GLY A 178 -3.69 8.88 4.58
C GLY A 178 -2.23 9.27 4.47
N ARG A 179 -1.45 9.01 5.54
CA ARG A 179 -0.05 9.37 5.61
C ARG A 179 0.82 8.15 5.42
N GLU A 180 2.00 8.39 4.86
CA GLU A 180 3.00 7.39 4.56
C GLU A 180 4.40 7.97 4.79
N ILE A 181 5.43 7.13 4.75
CA ILE A 181 6.82 7.56 4.81
C ILE A 181 7.35 7.29 3.41
N ALA A 182 7.56 8.35 2.62
CA ALA A 182 8.05 8.33 1.24
C ALA A 182 9.37 7.58 1.10
N VAL A 183 9.59 7.01 -0.09
CA VAL A 183 10.78 6.22 -0.45
C VAL A 183 12.07 7.05 -0.24
N HIS A 184 13.06 6.42 0.43
CA HIS A 184 14.37 6.98 0.75
C HIS A 184 15.33 5.85 1.01
N VAL A 185 16.62 6.19 1.06
CA VAL A 185 17.70 5.26 1.37
C VAL A 185 18.55 5.91 2.49
N GLY A 186 18.86 5.11 3.51
CA GLY A 186 19.55 5.53 4.73
C GLY A 186 20.97 6.06 4.64
N ASN A 187 21.81 5.50 3.77
CA ASN A 187 23.21 5.93 3.64
C ASN A 187 23.36 7.37 3.14
N ASP A 188 22.29 7.91 2.51
CA ASP A 188 22.26 9.28 2.01
C ASP A 188 22.29 10.27 3.16
N PHE A 189 21.75 9.86 4.32
CA PHE A 189 21.66 10.67 5.52
C PHE A 189 23.00 10.99 6.16
N LEU A 190 23.98 10.07 6.07
CA LEU A 190 25.30 10.24 6.66
C LEU A 190 26.22 11.17 5.84
N LEU A 191 25.76 11.61 4.66
CA LEU A 191 26.47 12.55 3.80
C LEU A 191 25.80 13.95 3.85
N MET A 192 24.84 14.13 4.79
CA MET A 192 24.11 15.38 5.01
C MET A 192 24.81 16.23 6.09
N PRO A 193 24.66 17.59 6.10
CA PRO A 193 25.35 18.41 7.11
C PRO A 193 25.09 18.09 8.59
N ALA A 194 23.90 17.52 8.91
CA ALA A 194 23.54 17.17 10.29
C ALA A 194 24.37 16.00 10.83
N ALA A 195 24.86 15.14 9.94
CA ALA A 195 25.66 13.98 10.29
C ALA A 195 27.17 14.25 10.27
N ASN A 196 27.59 15.54 10.13
CA ASN A 196 29.00 15.94 10.06
C ASN A 196 29.87 15.39 11.20
N HIS A 197 29.38 15.43 12.45
CA HIS A 197 30.13 14.95 13.62
C HIS A 197 30.01 13.42 13.76
N LEU A 198 28.77 12.89 13.65
CA LEU A 198 28.45 11.47 13.74
C LEU A 198 29.23 10.62 12.72
N LYS A 199 29.37 11.12 11.47
CA LYS A 199 30.11 10.48 10.37
C LYS A 199 31.53 10.10 10.81
N THR A 200 32.19 10.98 11.59
CA THR A 200 33.54 10.79 12.11
C THR A 200 33.64 9.71 13.19
N LEU A 201 32.50 9.33 13.82
CA LEU A 201 32.44 8.31 14.88
C LEU A 201 32.17 6.90 14.32
N LEU A 202 31.64 6.84 13.10
CA LEU A 202 31.25 5.60 12.47
C LEU A 202 32.23 5.07 11.45
N ASP A 203 32.14 3.75 11.22
CA ASP A 203 32.91 2.97 10.27
C ASP A 203 32.39 3.25 8.86
N LEU A 204 33.28 3.17 7.84
CA LEU A 204 32.84 3.34 6.45
C LEU A 204 32.14 2.03 6.03
N SER A 205 30.83 1.94 6.35
CA SER A 205 29.97 0.79 6.06
C SER A 205 28.48 1.15 6.20
N ASP A 206 27.59 0.26 5.69
CA ASP A 206 26.13 0.42 5.70
C ASP A 206 25.52 0.70 7.05
N GLN A 207 24.64 1.71 7.09
CA GLN A 207 23.90 2.11 8.27
C GLN A 207 22.62 1.28 8.34
N LEU A 208 22.45 0.52 9.42
CA LEU A 208 21.25 -0.28 9.58
C LEU A 208 20.13 0.59 10.06
N SER A 209 18.90 0.10 9.90
N SER A 209 18.88 0.14 9.85
CA SER A 209 17.71 0.79 10.33
CA SER A 209 17.67 0.82 10.30
C SER A 209 16.89 -0.16 11.22
C SER A 209 16.88 -0.13 11.20
N TYR A 210 16.34 0.38 12.32
CA TYR A 210 15.55 -0.41 13.26
C TYR A 210 14.29 0.34 13.65
N PHE A 211 13.24 -0.41 14.04
CA PHE A 211 11.97 0.12 14.55
C PHE A 211 11.16 -1.00 15.21
N ILE A 212 10.33 -0.62 16.17
CA ILE A 212 9.44 -1.51 16.91
C ILE A 212 8.08 -0.81 16.93
N PRO A 213 7.00 -1.42 16.37
CA PRO A 213 5.69 -0.77 16.43
C PRO A 213 5.12 -0.77 17.85
N LEU A 214 4.52 0.34 18.24
CA LEU A 214 3.80 0.54 19.50
C LEU A 214 2.34 0.23 19.19
N THR A 215 1.81 0.88 18.12
CA THR A 215 0.48 0.70 17.55
C THR A 215 0.64 0.36 16.06
N VAL A 216 -0.17 -0.61 15.60
CA VAL A 216 -0.19 -1.06 14.20
C VAL A 216 -1.55 -0.66 13.56
N PRO A 217 -1.63 -0.19 12.28
CA PRO A 217 -2.94 0.20 11.73
C PRO A 217 -3.84 -0.98 11.33
N GLU A 218 -5.10 -0.69 10.97
CA GLU A 218 -6.10 -1.69 10.53
C GLU A 218 -5.67 -2.35 9.19
N ALA A 219 -5.00 -1.58 8.33
CA ALA A 219 -4.42 -1.97 7.05
C ALA A 219 -3.38 -0.89 6.66
N GLY A 220 -2.52 -1.21 5.69
CA GLY A 220 -1.47 -0.30 5.27
C GLY A 220 -0.36 -0.25 6.28
N GLY A 221 0.40 0.85 6.31
CA GLY A 221 1.54 1.05 7.20
C GLY A 221 2.57 -0.07 7.15
N GLU A 222 2.79 -0.62 5.94
CA GLU A 222 3.74 -1.71 5.72
C GLU A 222 5.08 -1.18 5.30
N LEU A 223 6.14 -1.90 5.69
CA LEU A 223 7.48 -1.53 5.28
C LEU A 223 7.75 -2.26 3.98
N VAL A 224 7.82 -1.50 2.88
CA VAL A 224 8.14 -2.06 1.57
C VAL A 224 9.62 -1.82 1.31
N VAL A 225 10.41 -2.90 1.19
CA VAL A 225 11.85 -2.85 0.91
C VAL A 225 12.08 -3.26 -0.56
N TYR A 226 12.83 -2.44 -1.28
CA TYR A 226 13.16 -2.69 -2.69
C TYR A 226 14.58 -3.21 -2.84
N ASN A 227 14.79 -4.04 -3.87
CA ASN A 227 16.06 -4.65 -4.27
C ASN A 227 17.06 -3.59 -4.78
N LEU A 228 16.59 -2.34 -4.97
CA LEU A 228 17.35 -1.20 -5.48
C LEU A 228 18.39 -0.73 -4.45
N GLU A 229 19.64 -0.55 -4.93
CA GLU A 229 20.77 -0.16 -4.08
C GLU A 229 21.20 1.31 -4.16
N TRP A 230 21.69 1.81 -3.02
CA TRP A 230 22.25 3.15 -2.82
C TRP A 230 23.51 3.31 -3.66
N ASN A 231 23.66 4.51 -4.26
CA ASN A 231 24.82 4.88 -5.09
C ASN A 231 25.44 6.18 -4.54
N PRO A 232 26.72 6.14 -4.11
CA PRO A 232 27.35 7.35 -3.54
C PRO A 232 27.29 8.62 -4.40
N GLN A 233 27.70 8.55 -5.68
CA GLN A 233 27.72 9.70 -6.61
C GLN A 233 26.38 9.99 -7.33
N GLU A 234 25.24 9.57 -6.75
CA GLU A 234 23.93 9.78 -7.39
C GLU A 234 23.03 10.83 -6.72
N ASP A 240 18.42 19.48 2.63
CA ASP A 240 17.06 19.94 2.23
C ASP A 240 16.20 18.69 2.01
N LEU A 241 15.34 18.40 2.98
CA LEU A 241 14.57 17.16 2.91
C LEU A 241 13.48 17.20 1.83
N HIS A 242 12.88 18.38 1.59
CA HIS A 242 11.85 18.60 0.56
C HIS A 242 12.41 18.29 -0.83
N LYS A 243 13.67 18.69 -1.09
CA LYS A 243 14.40 18.46 -2.34
C LYS A 243 14.79 16.98 -2.48
N TYR A 244 15.26 16.36 -1.37
CA TYR A 244 15.66 14.95 -1.28
C TYR A 244 14.52 13.98 -1.62
N ILE A 245 13.31 14.24 -1.07
CA ILE A 245 12.11 13.44 -1.29
C ILE A 245 11.75 13.45 -2.79
N ASP A 246 11.74 14.65 -3.41
CA ASP A 246 11.43 14.84 -4.83
C ASP A 246 12.52 14.28 -5.77
N GLU A 247 13.79 14.30 -5.32
CA GLU A 247 14.92 13.77 -6.10
C GLU A 247 14.89 12.24 -6.14
N VAL A 248 14.72 11.60 -4.96
CA VAL A 248 14.66 10.13 -4.81
C VAL A 248 13.48 9.55 -5.60
N GLU A 249 12.27 10.14 -5.45
CA GLU A 249 11.05 9.70 -6.13
C GLU A 249 11.18 9.71 -7.66
N SER A 250 11.79 10.78 -8.23
CA SER A 250 11.99 10.92 -9.67
C SER A 250 12.98 9.88 -10.22
N LYS A 251 14.01 9.52 -9.42
CA LYS A 251 15.01 8.53 -9.84
C LYS A 251 14.48 7.11 -9.63
N PHE A 252 13.70 6.90 -8.56
CA PHE A 252 13.07 5.63 -8.21
C PHE A 252 11.95 5.28 -9.22
N LYS A 253 11.32 6.32 -9.82
CA LYS A 253 10.27 6.22 -10.82
C LYS A 253 10.72 5.40 -12.04
N SER A 254 11.90 5.74 -12.58
CA SER A 254 12.50 5.11 -13.76
C SER A 254 12.96 3.67 -13.55
N ASN A 255 13.66 3.41 -12.43
CA ASN A 255 14.22 2.10 -12.09
C ASN A 255 13.20 1.01 -11.77
N GLN A 256 13.49 -0.21 -12.25
CA GLN A 256 12.72 -1.45 -12.04
C GLN A 256 13.41 -2.31 -10.96
N SER A 257 12.65 -2.77 -9.94
CA SER A 257 13.20 -3.57 -8.83
C SER A 257 12.19 -4.53 -8.18
N GLN A 258 12.72 -5.55 -7.47
CA GLN A 258 11.98 -6.57 -6.71
C GLN A 258 11.60 -5.98 -5.35
N SER A 259 10.39 -6.28 -4.85
CA SER A 259 9.94 -5.76 -3.55
C SER A 259 9.44 -6.82 -2.59
N VAL A 260 9.67 -6.58 -1.29
CA VAL A 260 9.22 -7.40 -0.16
C VAL A 260 8.48 -6.46 0.79
N ALA A 261 7.43 -6.94 1.44
CA ALA A 261 6.65 -6.13 2.38
C ALA A 261 6.57 -6.77 3.76
N TYR A 262 6.78 -5.95 4.81
CA TYR A 262 6.77 -6.40 6.19
C TYR A 262 5.90 -5.51 7.08
N ALA A 263 4.99 -6.14 7.81
CA ALA A 263 4.13 -5.43 8.76
C ALA A 263 4.35 -6.04 10.16
N PRO A 264 5.47 -5.71 10.86
CA PRO A 264 5.69 -6.27 12.20
C PRO A 264 4.58 -5.88 13.16
N GLY A 265 4.35 -6.72 14.15
CA GLY A 265 3.33 -6.47 15.15
C GLY A 265 3.86 -5.66 16.32
N PRO A 266 2.99 -5.20 17.23
CA PRO A 266 3.48 -4.44 18.40
C PRO A 266 4.47 -5.25 19.26
N GLY A 267 5.66 -4.70 19.48
CA GLY A 267 6.70 -5.36 20.25
C GLY A 267 7.73 -6.12 19.43
N ASP A 268 7.56 -6.18 18.10
CA ASP A 268 8.48 -6.88 17.20
C ASP A 268 9.47 -5.89 16.63
N MET A 269 10.75 -6.27 16.58
CA MET A 269 11.76 -5.38 16.00
C MET A 269 12.06 -5.73 14.55
N LEU A 270 12.13 -4.70 13.70
CA LEU A 270 12.53 -4.89 12.33
C LEU A 270 13.88 -4.18 12.17
N LEU A 271 14.94 -4.97 12.04
CA LEU A 271 16.33 -4.54 11.92
C LEU A 271 16.78 -4.92 10.51
N PHE A 272 16.81 -3.92 9.60
CA PHE A 272 17.18 -4.18 8.21
C PHE A 272 18.23 -3.21 7.64
N ASN A 273 18.84 -3.57 6.49
CA ASN A 273 19.81 -2.72 5.81
C ASN A 273 19.11 -1.58 5.07
N GLY A 274 18.58 -0.63 5.83
CA GLY A 274 17.89 0.56 5.33
C GLY A 274 18.85 1.55 4.68
N GLY A 275 20.14 1.41 5.00
CA GLY A 275 21.21 2.23 4.45
C GLY A 275 21.48 1.95 3.00
N ARG A 276 21.54 0.66 2.62
CA ARG A 276 21.80 0.21 1.26
C ARG A 276 20.54 0.13 0.38
N TYR A 277 19.42 -0.33 0.95
CA TYR A 277 18.21 -0.57 0.17
C TYR A 277 17.12 0.45 0.32
N TYR A 278 16.59 0.88 -0.84
CA TYR A 278 15.48 1.83 -0.93
C TYR A 278 14.25 1.19 -0.32
N HIS A 279 13.61 1.89 0.61
CA HIS A 279 12.46 1.40 1.35
C HIS A 279 11.51 2.56 1.64
N ARG A 280 10.27 2.23 2.04
CA ARG A 280 9.20 3.19 2.34
C ARG A 280 8.18 2.55 3.28
N VAL A 281 7.21 3.35 3.76
CA VAL A 281 6.11 2.87 4.61
C VAL A 281 4.85 3.26 3.89
N SER A 282 4.08 2.26 3.46
CA SER A 282 2.84 2.46 2.71
C SER A 282 1.78 3.22 3.51
N GLU A 283 0.86 3.89 2.79
CA GLU A 283 -0.26 4.66 3.34
C GLU A 283 -1.00 3.87 4.41
N VAL A 284 -1.21 4.51 5.58
CA VAL A 284 -1.94 3.96 6.72
C VAL A 284 -3.43 3.97 6.36
N ILE A 285 -4.07 2.80 6.42
CA ILE A 285 -5.49 2.66 6.10
C ILE A 285 -6.25 2.48 7.42
N GLY A 286 -7.36 3.21 7.57
CA GLY A 286 -8.17 3.14 8.77
C GLY A 286 -7.83 4.21 9.80
N ASN A 287 -8.76 4.47 10.72
CA ASN A 287 -8.67 5.49 11.76
C ASN A 287 -7.55 5.24 12.79
N SER A 288 -7.25 3.96 13.08
CA SER A 288 -6.22 3.54 14.03
C SER A 288 -4.80 3.94 13.51
N PRO A 289 -4.07 4.89 14.17
CA PRO A 289 -2.77 5.31 13.64
C PRO A 289 -1.62 4.33 13.86
N ARG A 290 -0.57 4.44 13.04
CA ARG A 290 0.65 3.64 13.16
C ARG A 290 1.64 4.43 14.01
N ARG A 291 2.15 3.81 15.07
CA ARG A 291 3.12 4.43 16.00
C ARG A 291 4.33 3.51 16.12
N THR A 292 5.52 4.04 15.83
CA THR A 292 6.75 3.26 15.90
C THR A 292 7.82 4.01 16.64
N ILE A 293 8.65 3.25 17.39
CA ILE A 293 9.82 3.76 18.10
C ILE A 293 11.03 3.09 17.43
N GLY A 294 11.88 3.89 16.82
CA GLY A 294 13.05 3.36 16.13
C GLY A 294 14.09 4.37 15.72
N GLY A 295 15.07 3.91 14.97
CA GLY A 295 16.17 4.72 14.47
C GLY A 295 17.13 3.98 13.58
N PHE A 296 18.42 4.13 13.90
CA PHE A 296 19.54 3.59 13.13
C PHE A 296 20.61 3.01 14.02
N LEU A 297 21.48 2.21 13.44
CA LEU A 297 22.64 1.61 14.08
C LEU A 297 23.75 1.30 13.08
N ALA A 298 24.99 1.56 13.48
CA ALA A 298 26.18 1.32 12.64
C ALA A 298 27.36 1.09 13.53
N PHE A 299 28.40 0.42 13.00
CA PHE A 299 29.64 0.14 13.73
C PHE A 299 30.42 1.44 13.96
N SER A 300 31.25 1.44 15.01
CA SER A 300 32.17 2.53 15.37
C SER A 300 33.36 2.42 14.40
N LYS A 301 34.17 3.49 14.28
CA LYS A 301 35.34 3.57 13.38
C LYS A 301 36.21 2.31 13.36
N GLU A 302 36.57 1.78 14.55
CA GLU A 302 37.42 0.58 14.68
C GLU A 302 36.63 -0.76 14.69
N ARG A 303 35.30 -0.71 14.44
CA ARG A 303 34.37 -1.86 14.42
C ARG A 303 34.28 -2.61 15.77
N ASN A 304 34.80 -1.99 16.85
CA ASN A 304 34.84 -2.56 18.20
C ASN A 304 33.60 -2.21 19.03
N LYS A 305 32.72 -1.34 18.50
CA LYS A 305 31.52 -0.89 19.20
C LYS A 305 30.35 -0.70 18.25
N ILE A 306 29.11 -0.72 18.79
CA ILE A 306 27.85 -0.51 18.07
C ILE A 306 27.28 0.83 18.56
N TYR A 307 26.95 1.73 17.62
CA TYR A 307 26.31 3.01 17.95
C TYR A 307 24.89 2.99 17.42
N TYR A 308 23.91 3.39 18.24
CA TYR A 308 22.52 3.46 17.81
C TYR A 308 21.92 4.82 18.20
N TRP A 309 21.13 5.42 17.29
CA TRP A 309 20.55 6.75 17.43
C TRP A 309 19.36 6.89 16.48
N SER A 310 18.80 8.11 16.39
CA SER A 310 17.77 8.47 15.42
C SER A 310 17.95 9.94 15.04
N LEU B 32 -16.67 2.84 5.59
CA LEU B 32 -17.68 2.40 4.62
C LEU B 32 -18.24 1.03 5.02
N HIS B 33 -19.55 0.81 4.80
CA HIS B 33 -20.21 -0.44 5.18
C HIS B 33 -20.18 -1.48 4.06
N PHE B 34 -19.45 -2.59 4.30
CA PHE B 34 -19.29 -3.72 3.37
C PHE B 34 -19.72 -5.04 4.00
N LEU B 35 -20.51 -5.83 3.26
CA LEU B 35 -20.98 -7.15 3.69
C LEU B 35 -20.02 -8.23 3.23
N ASP B 36 -19.80 -9.25 4.07
CA ASP B 36 -18.93 -10.38 3.73
C ASP B 36 -19.76 -11.66 3.77
N ILE B 37 -20.28 -12.06 2.59
CA ILE B 37 -21.14 -13.24 2.45
C ILE B 37 -20.55 -14.25 1.47
N ASN B 38 -21.09 -15.48 1.48
CA ASN B 38 -20.69 -16.56 0.57
C ASN B 38 -21.65 -16.58 -0.62
N ALA B 39 -21.26 -17.25 -1.72
CA ALA B 39 -22.07 -17.40 -2.93
C ALA B 39 -23.37 -18.17 -2.65
N THR B 40 -23.35 -19.07 -1.66
CA THR B 40 -24.48 -19.89 -1.24
C THR B 40 -25.57 -19.08 -0.51
N GLU B 41 -25.22 -17.86 -0.05
CA GLU B 41 -26.11 -16.95 0.69
C GLU B 41 -26.69 -15.81 -0.17
N VAL B 42 -26.19 -15.63 -1.40
CA VAL B 42 -26.55 -14.58 -2.37
C VAL B 42 -28.08 -14.32 -2.50
N LYS B 43 -28.90 -15.38 -2.52
CA LYS B 43 -30.36 -15.25 -2.63
C LYS B 43 -31.04 -14.69 -1.36
N LYS B 44 -30.30 -14.58 -0.23
CA LYS B 44 -30.80 -14.00 1.01
C LYS B 44 -30.64 -12.46 1.01
N TYR B 45 -30.20 -11.91 -0.15
CA TYR B 45 -29.99 -10.47 -0.37
C TYR B 45 -30.61 -10.11 -1.75
N PRO B 46 -31.97 -10.16 -1.92
CA PRO B 46 -32.56 -9.89 -3.23
C PRO B 46 -32.60 -8.42 -3.69
N THR B 47 -32.27 -7.47 -2.80
CA THR B 47 -32.31 -6.05 -3.11
C THR B 47 -30.96 -5.36 -2.87
N ALA B 48 -29.86 -6.15 -2.84
CA ALA B 48 -28.50 -5.65 -2.57
C ALA B 48 -28.04 -4.54 -3.51
N ILE B 49 -28.43 -4.59 -4.79
CA ILE B 49 -28.01 -3.58 -5.79
C ILE B 49 -28.79 -2.27 -5.62
N GLN B 50 -30.11 -2.35 -5.38
CA GLN B 50 -30.97 -1.19 -5.12
C GLN B 50 -30.56 -0.55 -3.79
N ASP B 51 -30.17 -1.39 -2.80
CA ASP B 51 -29.73 -0.93 -1.46
C ASP B 51 -28.43 -0.14 -1.55
N ILE B 52 -27.53 -0.49 -2.49
CA ILE B 52 -26.27 0.24 -2.68
C ILE B 52 -26.49 1.52 -3.51
N ILE B 53 -27.11 1.40 -4.70
CA ILE B 53 -27.31 2.48 -5.66
C ILE B 53 -28.36 3.52 -5.23
N ILE B 54 -29.61 3.09 -4.99
CA ILE B 54 -30.74 3.97 -4.67
C ILE B 54 -30.82 4.32 -3.18
N ASN B 55 -31.12 3.32 -2.33
CA ASN B 55 -31.29 3.47 -0.89
C ASN B 55 -30.05 3.90 -0.13
N ARG B 56 -28.85 3.54 -0.64
CA ARG B 56 -27.53 3.88 -0.08
C ARG B 56 -27.41 3.45 1.41
N SER B 57 -27.89 2.24 1.74
CA SER B 57 -27.85 1.64 3.09
C SER B 57 -26.46 1.08 3.38
N PHE B 58 -25.78 0.59 2.33
CA PHE B 58 -24.40 0.08 2.37
C PHE B 58 -23.68 0.44 1.07
N ASP B 59 -22.35 0.36 1.04
CA ASP B 59 -21.58 0.81 -0.12
C ASP B 59 -20.87 -0.28 -0.90
N GLY B 60 -20.79 -1.48 -0.33
CA GLY B 60 -20.10 -2.58 -0.98
C GLY B 60 -20.42 -3.96 -0.43
N MET B 61 -19.89 -4.98 -1.10
CA MET B 61 -20.10 -6.38 -0.82
C MET B 61 -18.92 -7.21 -1.30
N ILE B 62 -18.54 -8.23 -0.51
CA ILE B 62 -17.48 -9.17 -0.87
C ILE B 62 -18.07 -10.59 -0.83
N ILE B 63 -18.43 -11.11 -2.02
CA ILE B 63 -19.06 -12.43 -2.21
C ILE B 63 -18.01 -13.51 -2.38
N ARG B 64 -17.89 -14.38 -1.37
CA ARG B 64 -16.92 -15.47 -1.33
C ARG B 64 -17.35 -16.67 -2.17
N GLY B 65 -16.41 -17.20 -2.94
CA GLY B 65 -16.60 -18.38 -3.77
C GLY B 65 -17.60 -18.31 -4.90
N VAL B 66 -17.61 -17.18 -5.66
CA VAL B 66 -18.47 -17.01 -6.85
C VAL B 66 -17.98 -18.04 -7.88
N PHE B 67 -16.65 -18.14 -8.04
CA PHE B 67 -15.98 -19.12 -8.88
C PHE B 67 -15.06 -19.96 -7.99
N PRO B 68 -14.96 -21.29 -8.20
CA PRO B 68 -14.05 -22.09 -7.36
C PRO B 68 -12.58 -21.76 -7.65
N ARG B 69 -11.70 -22.01 -6.67
CA ARG B 69 -10.25 -21.74 -6.77
C ARG B 69 -9.61 -22.42 -7.99
N ASP B 70 -9.93 -23.71 -8.23
CA ASP B 70 -9.42 -24.53 -9.33
C ASP B 70 -9.77 -23.97 -10.72
N THR B 71 -10.96 -23.38 -10.87
CA THR B 71 -11.46 -22.74 -12.10
C THR B 71 -10.59 -21.50 -12.40
N MET B 72 -10.36 -20.64 -11.38
CA MET B 72 -9.56 -19.42 -11.48
C MET B 72 -8.11 -19.75 -11.81
N GLU B 73 -7.56 -20.77 -11.12
CA GLU B 73 -6.21 -21.30 -11.29
C GLU B 73 -6.05 -21.88 -12.71
N GLN B 74 -7.13 -22.47 -13.28
CA GLN B 74 -7.15 -23.02 -14.63
C GLN B 74 -7.13 -21.87 -15.66
N VAL B 75 -8.00 -20.85 -15.49
CA VAL B 75 -8.06 -19.66 -16.36
C VAL B 75 -6.70 -18.91 -16.32
N ALA B 76 -6.04 -18.91 -15.15
CA ALA B 76 -4.72 -18.31 -14.95
C ALA B 76 -3.67 -19.05 -15.78
N ARG B 77 -3.62 -20.41 -15.70
CA ARG B 77 -2.68 -21.23 -16.48
C ARG B 77 -2.94 -21.10 -17.98
N CYS B 78 -4.23 -20.95 -18.39
CA CYS B 78 -4.63 -20.78 -19.79
C CYS B 78 -4.06 -19.51 -20.40
N LEU B 79 -4.09 -18.38 -19.66
CA LEU B 79 -3.53 -17.10 -20.09
C LEU B 79 -2.00 -17.17 -20.20
N GLU B 80 -1.35 -17.83 -19.22
CA GLU B 80 0.11 -17.98 -19.14
C GLU B 80 0.66 -18.90 -20.22
N GLU B 81 0.01 -20.07 -20.43
CA GLU B 81 0.44 -21.08 -21.41
C GLU B 81 0.20 -20.69 -22.86
N GLY B 82 -0.92 -20.02 -23.15
CA GLY B 82 -1.25 -19.59 -24.51
C GLY B 82 -2.58 -20.06 -25.04
N ASN B 83 -3.14 -21.14 -24.46
CA ASN B 83 -4.45 -21.68 -24.84
C ASN B 83 -5.53 -20.80 -24.19
N ASP B 84 -5.51 -19.51 -24.55
CA ASP B 84 -6.39 -18.46 -24.03
C ASP B 84 -7.58 -18.11 -24.94
N GLY B 85 -7.83 -18.94 -25.95
CA GLY B 85 -8.90 -18.77 -26.92
C GLY B 85 -8.82 -17.49 -27.74
N GLY B 86 -7.62 -16.91 -27.79
CA GLY B 86 -7.34 -15.66 -28.50
C GLY B 86 -7.14 -14.44 -27.62
N MET B 87 -7.37 -14.54 -26.30
CA MET B 87 -7.26 -13.44 -25.32
C MET B 87 -5.98 -12.59 -25.45
N LYS B 88 -4.84 -13.21 -25.74
CA LYS B 88 -3.53 -12.55 -25.93
C LYS B 88 -3.53 -11.52 -27.08
N SER B 89 -4.41 -11.72 -28.10
CA SER B 89 -4.53 -10.82 -29.26
C SER B 89 -5.10 -9.44 -28.91
N ILE B 90 -5.91 -9.34 -27.83
CA ILE B 90 -6.50 -8.05 -27.43
C ILE B 90 -5.81 -7.44 -26.20
N LEU B 91 -4.63 -7.95 -25.81
CA LEU B 91 -3.88 -7.42 -24.67
C LEU B 91 -3.25 -6.05 -25.03
N ASN B 92 -3.53 -5.03 -24.20
CA ASN B 92 -3.02 -3.67 -24.34
C ASN B 92 -2.16 -3.40 -23.11
N LYS B 93 -0.85 -3.21 -23.31
CA LYS B 93 0.12 -3.02 -22.23
C LYS B 93 0.01 -1.68 -21.49
N ASN B 94 -0.57 -0.63 -22.15
CA ASN B 94 -0.74 0.73 -21.62
C ASN B 94 0.61 1.35 -21.19
N GLU B 95 1.65 1.16 -22.03
CA GLU B 95 3.00 1.65 -21.76
C GLU B 95 3.12 3.18 -21.84
N GLU B 96 2.16 3.87 -22.52
CA GLU B 96 2.11 5.33 -22.61
C GLU B 96 1.84 5.91 -21.21
N PHE B 97 1.11 5.12 -20.38
CA PHE B 97 0.81 5.41 -18.98
C PHE B 97 1.99 4.88 -18.14
N GLY B 98 2.05 5.27 -16.88
CA GLY B 98 3.15 4.84 -16.02
C GLY B 98 2.97 3.46 -15.44
N THR B 99 3.18 3.35 -14.13
CA THR B 99 3.05 2.13 -13.35
C THR B 99 1.73 2.23 -12.57
N LYS B 100 0.99 3.34 -12.80
CA LYS B 100 -0.28 3.65 -12.12
C LYS B 100 -1.52 3.22 -12.93
N VAL B 101 -1.32 2.41 -13.97
CA VAL B 101 -2.37 1.84 -14.83
C VAL B 101 -1.96 0.39 -15.13
N ALA B 102 -2.94 -0.53 -15.21
CA ALA B 102 -2.74 -1.96 -15.49
C ALA B 102 -2.70 -2.30 -16.99
N GLN B 103 -2.16 -3.50 -17.31
CA GLN B 103 -2.16 -4.08 -18.65
C GLN B 103 -3.57 -4.66 -18.79
N ILE B 104 -4.25 -4.41 -19.91
CA ILE B 104 -5.64 -4.85 -20.01
C ILE B 104 -5.94 -5.71 -21.26
N TYR B 105 -6.55 -6.89 -21.02
CA TYR B 105 -6.98 -7.82 -22.05
C TYR B 105 -8.34 -7.33 -22.52
N GLY B 106 -8.33 -6.64 -23.66
CA GLY B 106 -9.49 -6.00 -24.24
C GLY B 106 -9.48 -4.53 -23.91
N HIS B 107 -9.97 -3.69 -24.84
CA HIS B 107 -10.04 -2.26 -24.63
C HIS B 107 -11.16 -1.98 -23.64
N ALA B 108 -10.86 -1.24 -22.56
CA ALA B 108 -11.87 -0.85 -21.59
C ALA B 108 -12.61 0.35 -22.19
N ILE B 109 -13.85 0.62 -21.74
CA ILE B 109 -14.65 1.75 -22.22
C ILE B 109 -14.02 3.11 -21.83
N VAL B 110 -13.22 3.14 -20.74
CA VAL B 110 -12.54 4.33 -20.22
C VAL B 110 -11.39 4.77 -21.14
N GLY B 111 -11.47 6.02 -21.60
CA GLY B 111 -10.46 6.64 -22.44
C GLY B 111 -10.49 6.31 -23.91
N GLN B 112 -11.59 5.70 -24.39
CA GLN B 112 -11.73 5.37 -25.81
C GLN B 112 -12.19 6.59 -26.59
N SER B 113 -12.10 6.52 -27.93
CA SER B 113 -12.54 7.56 -28.85
C SER B 113 -14.09 7.56 -28.90
N PRO B 114 -14.77 8.69 -29.21
CA PRO B 114 -16.24 8.68 -29.24
C PRO B 114 -16.88 7.73 -30.26
N ASP B 115 -16.14 7.41 -31.35
CA ASP B 115 -16.60 6.49 -32.43
C ASP B 115 -16.77 5.05 -31.96
N LEU B 116 -15.91 4.60 -31.01
CA LEU B 116 -15.90 3.29 -30.36
C LEU B 116 -15.71 2.08 -31.30
N LYS B 117 -15.15 2.31 -32.51
CA LYS B 117 -14.89 1.28 -33.53
C LYS B 117 -13.93 0.22 -32.99
N ASP B 118 -12.79 0.65 -32.42
CA ASP B 118 -11.75 -0.22 -31.84
C ASP B 118 -12.26 -0.98 -30.62
N TYR B 119 -13.12 -0.35 -29.80
CA TYR B 119 -13.71 -0.96 -28.60
C TYR B 119 -14.58 -2.17 -28.92
N PHE B 120 -15.54 -1.99 -29.86
CA PHE B 120 -16.47 -3.04 -30.27
C PHE B 120 -15.78 -4.26 -30.88
N ALA B 121 -14.68 -4.05 -31.62
CA ALA B 121 -13.89 -5.11 -32.22
C ALA B 121 -13.31 -6.02 -31.11
N SER B 122 -12.59 -5.43 -30.14
CA SER B 122 -12.02 -6.14 -28.99
C SER B 122 -13.10 -6.79 -28.11
N SER B 123 -14.24 -6.10 -27.91
CA SER B 123 -15.39 -6.57 -27.12
C SER B 123 -15.93 -7.92 -27.62
N ALA B 124 -16.05 -8.10 -28.94
CA ALA B 124 -16.49 -9.35 -29.55
C ALA B 124 -15.43 -10.45 -29.38
N ILE B 125 -14.13 -10.07 -29.46
CA ILE B 125 -12.98 -10.97 -29.26
C ILE B 125 -12.92 -11.47 -27.80
N PHE B 126 -13.13 -10.57 -26.82
CA PHE B 126 -13.12 -10.91 -25.39
C PHE B 126 -14.17 -11.96 -25.07
N ARG B 127 -15.42 -11.72 -25.51
CA ARG B 127 -16.55 -12.62 -25.30
C ARG B 127 -16.27 -14.04 -25.81
N GLN B 128 -15.64 -14.18 -26.98
CA GLN B 128 -15.29 -15.46 -27.58
C GLN B 128 -14.14 -16.15 -26.83
N ALA B 129 -13.10 -15.40 -26.44
CA ALA B 129 -11.93 -15.91 -25.72
C ALA B 129 -12.25 -16.32 -24.28
N CYS B 130 -12.98 -15.46 -23.53
CA CYS B 130 -13.37 -15.70 -22.14
C CYS B 130 -14.27 -16.96 -22.04
N ARG B 131 -15.26 -17.09 -22.96
CA ARG B 131 -16.20 -18.21 -23.07
C ARG B 131 -15.46 -19.55 -23.25
N THR B 132 -14.33 -19.52 -23.99
CA THR B 132 -13.49 -20.69 -24.26
C THR B 132 -12.70 -21.10 -23.00
N MET B 133 -12.07 -20.12 -22.32
CA MET B 133 -11.26 -20.36 -21.12
C MET B 133 -12.06 -20.91 -19.95
N PHE B 134 -13.28 -20.39 -19.74
CA PHE B 134 -14.14 -20.82 -18.63
C PHE B 134 -14.74 -22.20 -18.88
N GLN B 135 -14.83 -22.61 -20.18
CA GLN B 135 -15.30 -23.91 -20.65
C GLN B 135 -16.57 -24.45 -19.94
N GLY B 136 -17.45 -23.52 -19.54
CA GLY B 136 -18.71 -23.80 -18.86
C GLY B 136 -18.56 -24.57 -17.56
N SER B 137 -17.42 -24.37 -16.85
CA SER B 137 -17.13 -25.07 -15.62
C SER B 137 -16.82 -24.14 -14.40
N PRO B 138 -17.59 -23.06 -14.11
CA PRO B 138 -18.79 -22.53 -14.80
C PRO B 138 -18.45 -21.43 -15.81
N ASP B 139 -19.39 -21.13 -16.74
CA ASP B 139 -19.22 -20.07 -17.73
C ASP B 139 -19.23 -18.72 -17.01
N PHE B 140 -18.27 -17.84 -17.35
CA PHE B 140 -18.11 -16.52 -16.73
C PHE B 140 -19.36 -15.64 -16.82
N GLU B 141 -19.81 -15.36 -18.05
CA GLU B 141 -20.96 -14.50 -18.33
C GLU B 141 -22.23 -14.91 -17.57
N GLU B 142 -22.62 -16.20 -17.62
CA GLU B 142 -23.84 -16.67 -16.94
C GLU B 142 -23.69 -16.73 -15.41
N GLN B 143 -22.48 -17.01 -14.87
CA GLN B 143 -22.23 -17.04 -13.41
C GLN B 143 -22.31 -15.63 -12.82
N VAL B 144 -21.68 -14.65 -13.50
CA VAL B 144 -21.66 -13.24 -13.10
C VAL B 144 -23.09 -12.65 -13.20
N GLU B 145 -23.86 -13.04 -14.23
CA GLU B 145 -25.25 -12.64 -14.43
C GLU B 145 -26.15 -13.28 -13.35
N SER B 146 -25.83 -14.53 -12.93
CA SER B 146 -26.56 -15.27 -11.89
C SER B 146 -26.42 -14.58 -10.53
N ILE B 147 -25.24 -14.00 -10.26
CA ILE B 147 -24.98 -13.27 -9.02
C ILE B 147 -25.72 -11.93 -9.05
N PHE B 148 -25.57 -11.15 -10.16
CA PHE B 148 -26.23 -9.85 -10.31
C PHE B 148 -27.75 -9.93 -10.26
N HIS B 149 -28.33 -10.98 -10.87
CA HIS B 149 -29.78 -11.18 -10.86
C HIS B 149 -30.30 -11.54 -9.47
N SER B 150 -29.62 -12.44 -8.74
CA SER B 150 -30.01 -12.86 -7.39
C SER B 150 -29.91 -11.72 -6.35
N LEU B 151 -29.11 -10.69 -6.68
CA LEU B 151 -28.88 -9.53 -5.82
C LEU B 151 -29.68 -8.30 -6.27
N SER B 152 -30.67 -8.48 -7.18
CA SER B 152 -31.49 -7.39 -7.70
C SER B 152 -32.94 -7.76 -7.99
N GLY B 153 -33.17 -8.99 -8.42
CA GLY B 153 -34.48 -9.50 -8.82
C GLY B 153 -34.89 -8.98 -10.19
N LEU B 154 -33.93 -8.40 -10.92
CA LEU B 154 -34.10 -7.77 -12.23
C LEU B 154 -33.34 -8.51 -13.34
N PRO B 155 -33.72 -8.34 -14.64
CA PRO B 155 -32.96 -9.01 -15.71
C PRO B 155 -31.55 -8.41 -15.85
N VAL B 156 -30.58 -9.21 -16.33
CA VAL B 156 -29.18 -8.76 -16.50
C VAL B 156 -28.78 -8.93 -17.97
N GLU B 157 -28.22 -7.87 -18.57
CA GLU B 157 -27.81 -7.84 -19.96
C GLU B 157 -26.49 -7.11 -20.16
N ILE B 158 -25.78 -7.44 -21.25
CA ILE B 158 -24.57 -6.78 -21.69
C ILE B 158 -25.08 -5.76 -22.74
N PRO B 159 -24.80 -4.44 -22.60
CA PRO B 159 -25.35 -3.47 -23.57
C PRO B 159 -24.87 -3.64 -25.02
N THR B 160 -25.63 -3.06 -25.96
CA THR B 160 -25.33 -3.11 -27.40
C THR B 160 -25.31 -1.70 -27.98
N GLY B 161 -24.42 -1.47 -28.94
CA GLY B 161 -24.19 -0.18 -29.58
C GLY B 161 -25.32 0.37 -30.43
N PRO B 162 -25.09 1.50 -31.15
CA PRO B 162 -26.16 2.05 -32.00
C PRO B 162 -26.42 1.22 -33.27
N GLU B 163 -25.45 0.40 -33.69
CA GLU B 163 -25.56 -0.47 -34.86
C GLU B 163 -25.59 -1.97 -34.46
N GLY B 164 -26.03 -2.22 -33.22
CA GLY B 164 -26.15 -3.57 -32.66
C GLY B 164 -24.84 -4.28 -32.35
N GLN B 165 -23.78 -3.51 -32.05
CA GLN B 165 -22.45 -4.07 -31.73
C GLN B 165 -22.37 -4.37 -30.24
N THR B 166 -21.86 -5.55 -29.86
CA THR B 166 -21.75 -5.93 -28.43
C THR B 166 -20.70 -5.13 -27.66
N TYR B 167 -21.01 -4.84 -26.39
CA TYR B 167 -20.12 -4.21 -25.43
C TYR B 167 -19.44 -5.41 -24.75
N THR B 168 -18.29 -5.19 -24.08
CA THR B 168 -17.63 -6.30 -23.40
C THR B 168 -18.24 -6.48 -21.99
N PRO B 169 -18.49 -7.73 -21.50
CA PRO B 169 -19.05 -7.88 -20.15
C PRO B 169 -18.03 -7.55 -19.05
N ALA B 170 -16.75 -7.84 -19.34
CA ALA B 170 -15.61 -7.64 -18.47
C ALA B 170 -14.33 -7.49 -19.29
N THR B 171 -13.21 -7.19 -18.61
CA THR B 171 -11.86 -7.09 -19.15
C THR B 171 -10.94 -7.74 -18.14
N ILE B 172 -9.78 -8.26 -18.57
CA ILE B 172 -8.82 -8.84 -17.65
C ILE B 172 -7.72 -7.82 -17.38
N ARG B 173 -7.56 -7.44 -16.12
CA ARG B 173 -6.60 -6.45 -15.68
C ARG B 173 -5.40 -7.16 -15.07
N LEU B 174 -4.21 -6.96 -15.68
CA LEU B 174 -2.94 -7.56 -15.25
C LEU B 174 -2.05 -6.47 -14.61
N LEU B 175 -1.82 -6.65 -13.31
CA LEU B 175 -1.03 -5.72 -12.50
C LEU B 175 0.23 -6.41 -12.02
N LEU B 176 1.36 -6.10 -12.69
CA LEU B 176 2.67 -6.67 -12.38
C LEU B 176 3.32 -6.00 -11.16
N GLU B 177 4.56 -6.41 -10.82
CA GLU B 177 5.34 -5.90 -9.69
C GLU B 177 5.65 -4.41 -9.89
N GLY B 178 5.41 -3.61 -8.84
CA GLY B 178 5.64 -2.17 -8.84
C GLY B 178 4.48 -1.37 -9.37
N ARG B 179 3.51 -2.07 -9.97
CA ARG B 179 2.32 -1.51 -10.59
C ARG B 179 1.15 -1.40 -9.62
N GLU B 180 0.32 -0.39 -9.85
CA GLU B 180 -0.87 -0.08 -9.07
C GLU B 180 -1.92 0.48 -10.02
N ILE B 181 -3.13 0.75 -9.52
CA ILE B 181 -4.20 1.40 -10.29
C ILE B 181 -4.43 2.74 -9.57
N ALA B 182 -4.11 3.84 -10.27
CA ALA B 182 -4.23 5.21 -9.79
C ALA B 182 -5.62 5.52 -9.26
N VAL B 183 -5.68 6.44 -8.28
CA VAL B 183 -6.93 6.85 -7.65
C VAL B 183 -7.88 7.44 -8.71
N HIS B 184 -9.15 7.03 -8.66
CA HIS B 184 -10.20 7.45 -9.57
C HIS B 184 -11.56 7.25 -8.95
N VAL B 185 -12.59 7.76 -9.64
CA VAL B 185 -13.99 7.64 -9.25
C VAL B 185 -14.81 7.35 -10.54
N GLY B 186 -15.63 6.31 -10.48
CA GLY B 186 -16.41 5.77 -11.60
C GLY B 186 -17.39 6.65 -12.35
N ASN B 187 -18.12 7.54 -11.64
CA ASN B 187 -19.13 8.39 -12.27
C ASN B 187 -18.54 9.46 -13.22
N ASP B 188 -17.22 9.66 -13.20
CA ASP B 188 -16.52 10.58 -14.08
C ASP B 188 -16.42 10.00 -15.50
N PHE B 189 -16.49 8.66 -15.60
CA PHE B 189 -16.40 7.90 -16.85
C PHE B 189 -17.68 8.06 -17.69
N LEU B 190 -18.81 8.39 -17.02
CA LEU B 190 -20.10 8.62 -17.66
C LEU B 190 -20.07 9.98 -18.37
N LEU B 191 -19.37 10.96 -17.78
CA LEU B 191 -19.20 12.32 -18.32
C LEU B 191 -18.18 12.36 -19.48
N MET B 192 -17.56 11.20 -19.81
CA MET B 192 -16.54 11.08 -20.87
C MET B 192 -17.17 10.85 -22.26
N PRO B 193 -16.52 11.31 -23.36
CA PRO B 193 -17.12 11.12 -24.71
C PRO B 193 -17.29 9.67 -25.15
N ALA B 194 -16.53 8.74 -24.57
CA ALA B 194 -16.62 7.31 -24.88
C ALA B 194 -17.94 6.69 -24.38
N ALA B 195 -18.59 7.34 -23.40
CA ALA B 195 -19.85 6.88 -22.81
C ALA B 195 -21.08 7.68 -23.30
N ASN B 196 -20.92 8.43 -24.41
CA ASN B 196 -22.00 9.24 -25.02
C ASN B 196 -23.23 8.40 -25.39
N HIS B 197 -23.03 7.15 -25.86
CA HIS B 197 -24.10 6.23 -26.24
C HIS B 197 -24.64 5.45 -25.04
N LEU B 198 -23.74 4.94 -24.19
CA LEU B 198 -24.06 4.16 -23.00
C LEU B 198 -24.93 4.95 -22.00
N LYS B 199 -24.67 6.27 -21.87
CA LYS B 199 -25.39 7.21 -21.00
C LYS B 199 -26.90 7.27 -21.32
N THR B 200 -27.26 7.20 -22.61
CA THR B 200 -28.63 7.25 -23.09
C THR B 200 -29.40 5.95 -22.77
N LEU B 201 -28.68 4.84 -22.53
CA LEU B 201 -29.25 3.53 -22.20
C LEU B 201 -29.36 3.32 -20.67
N LEU B 202 -28.70 4.18 -19.88
CA LEU B 202 -28.66 4.05 -18.42
C LEU B 202 -29.42 5.11 -17.64
N ASP B 203 -29.67 4.81 -16.35
CA ASP B 203 -30.30 5.67 -15.37
C ASP B 203 -29.27 6.68 -14.87
N LEU B 204 -29.73 7.87 -14.42
CA LEU B 204 -28.86 8.94 -13.90
C LEU B 204 -28.16 8.60 -12.57
N SER B 205 -28.58 7.50 -11.91
CA SER B 205 -28.03 7.03 -10.64
C SER B 205 -26.58 6.50 -10.74
N ASP B 206 -25.98 6.16 -9.57
CA ASP B 206 -24.61 5.64 -9.41
C ASP B 206 -24.25 4.43 -10.25
N GLN B 207 -22.95 4.30 -10.56
CA GLN B 207 -22.37 3.21 -11.34
C GLN B 207 -21.54 2.31 -10.40
N LEU B 208 -21.89 1.02 -10.29
CA LEU B 208 -21.14 0.08 -9.46
C LEU B 208 -19.92 -0.44 -10.19
N SER B 209 -18.99 -1.02 -9.42
CA SER B 209 -17.77 -1.64 -9.91
C SER B 209 -17.70 -3.05 -9.36
N TYR B 210 -17.30 -4.00 -10.20
CA TYR B 210 -17.15 -5.39 -9.82
C TYR B 210 -15.86 -5.95 -10.36
N PHE B 211 -15.27 -6.92 -9.65
CA PHE B 211 -14.08 -7.65 -10.06
C PHE B 211 -13.89 -8.94 -9.29
N ILE B 212 -13.29 -9.94 -9.95
CA ILE B 212 -12.98 -11.26 -9.39
C ILE B 212 -11.49 -11.54 -9.68
N PRO B 213 -10.64 -11.74 -8.66
CA PRO B 213 -9.25 -12.07 -8.97
C PRO B 213 -9.08 -13.53 -9.43
N LEU B 214 -8.25 -13.71 -10.46
CA LEU B 214 -7.83 -15.00 -11.00
C LEU B 214 -6.58 -15.40 -10.19
N THR B 215 -5.64 -14.44 -9.95
CA THR B 215 -4.42 -14.61 -9.15
C THR B 215 -4.19 -13.39 -8.28
N VAL B 216 -3.80 -13.64 -7.03
CA VAL B 216 -3.53 -12.60 -6.04
C VAL B 216 -2.02 -12.44 -5.79
N PRO B 217 -1.50 -11.21 -5.51
CA PRO B 217 -0.05 -11.08 -5.28
C PRO B 217 0.36 -11.52 -3.88
N GLU B 218 1.68 -11.70 -3.69
CA GLU B 218 2.30 -12.10 -2.41
C GLU B 218 2.02 -11.08 -1.29
N ALA B 219 1.91 -9.79 -1.66
CA ALA B 219 1.59 -8.65 -0.81
C ALA B 219 1.13 -7.49 -1.71
N GLY B 220 0.52 -6.47 -1.12
CA GLY B 220 -0.02 -5.33 -1.86
C GLY B 220 -1.21 -5.73 -2.71
N GLY B 221 -1.46 -4.95 -3.78
CA GLY B 221 -2.56 -5.18 -4.72
C GLY B 221 -3.94 -5.17 -4.09
N GLU B 222 -4.10 -4.43 -2.99
CA GLU B 222 -5.35 -4.32 -2.26
C GLU B 222 -6.19 -3.17 -2.83
N LEU B 223 -7.52 -3.29 -2.76
CA LEU B 223 -8.38 -2.20 -3.20
C LEU B 223 -8.65 -1.30 -2.00
N VAL B 224 -8.29 -0.02 -2.15
CA VAL B 224 -8.48 0.97 -1.09
C VAL B 224 -9.64 1.87 -1.46
N VAL B 225 -10.68 1.91 -0.61
CA VAL B 225 -11.87 2.73 -0.84
C VAL B 225 -11.86 3.89 0.14
N TYR B 226 -12.16 5.10 -0.35
CA TYR B 226 -12.17 6.31 0.45
C TYR B 226 -13.59 6.86 0.60
N ASN B 227 -13.87 7.50 1.75
CA ASN B 227 -15.15 8.13 2.11
C ASN B 227 -15.44 9.38 1.27
N LEU B 228 -14.50 9.77 0.39
CA LEU B 228 -14.61 10.93 -0.49
C LEU B 228 -15.60 10.60 -1.62
N GLU B 229 -16.64 11.43 -1.75
CA GLU B 229 -17.71 11.26 -2.74
C GLU B 229 -17.49 12.06 -4.03
N TRP B 230 -18.02 11.54 -5.14
CA TRP B 230 -17.97 12.16 -6.46
C TRP B 230 -18.93 13.36 -6.49
N ASN B 231 -18.49 14.47 -7.09
CA ASN B 231 -19.32 15.69 -7.20
C ASN B 231 -19.72 15.99 -8.64
N PRO B 232 -21.02 16.27 -8.92
CA PRO B 232 -21.43 16.57 -10.30
C PRO B 232 -20.95 17.95 -10.78
N GLN B 233 -20.73 18.89 -9.83
CA GLN B 233 -20.29 20.27 -10.09
C GLN B 233 -18.84 20.40 -10.61
N GLU B 234 -18.05 19.30 -10.59
CA GLU B 234 -16.68 19.31 -11.11
C GLU B 234 -16.73 19.12 -12.64
N VAL B 235 -16.52 20.23 -13.37
CA VAL B 235 -16.55 20.29 -14.85
C VAL B 235 -15.29 19.63 -15.41
N ALA B 239 -11.59 14.38 -22.49
CA ALA B 239 -11.50 13.06 -23.10
C ALA B 239 -10.20 12.32 -22.75
N ASP B 240 -9.10 13.06 -22.55
CA ASP B 240 -7.76 12.55 -22.22
C ASP B 240 -7.69 11.89 -20.84
N LEU B 241 -7.09 10.68 -20.78
CA LEU B 241 -6.96 9.90 -19.55
C LEU B 241 -5.79 10.32 -18.66
N HIS B 242 -4.64 10.72 -19.26
CA HIS B 242 -3.44 11.19 -18.55
C HIS B 242 -3.80 12.41 -17.70
N LYS B 243 -4.62 13.33 -18.28
CA LYS B 243 -5.15 14.54 -17.66
C LYS B 243 -6.04 14.15 -16.48
N TYR B 244 -6.87 13.08 -16.64
CA TYR B 244 -7.77 12.56 -15.60
C TYR B 244 -6.98 12.02 -14.40
N ILE B 245 -5.93 11.20 -14.66
CA ILE B 245 -5.06 10.62 -13.63
C ILE B 245 -4.43 11.75 -12.78
N ASP B 246 -3.89 12.78 -13.45
CA ASP B 246 -3.25 13.95 -12.83
C ASP B 246 -4.21 14.82 -12.02
N GLU B 247 -5.44 15.06 -12.54
CA GLU B 247 -6.49 15.86 -11.90
C GLU B 247 -6.98 15.25 -10.60
N VAL B 248 -7.29 13.93 -10.61
CA VAL B 248 -7.80 13.18 -9.44
C VAL B 248 -6.72 13.09 -8.34
N GLU B 249 -5.46 12.81 -8.72
CA GLU B 249 -4.33 12.71 -7.78
C GLU B 249 -4.03 14.04 -7.08
N SER B 250 -4.10 15.17 -7.83
CA SER B 250 -3.85 16.52 -7.29
C SER B 250 -4.98 16.98 -6.36
N LYS B 251 -6.25 16.71 -6.73
CA LYS B 251 -7.44 17.07 -5.96
C LYS B 251 -7.52 16.23 -4.67
N PHE B 252 -7.07 14.97 -4.76
CA PHE B 252 -7.08 13.97 -3.68
C PHE B 252 -6.35 14.39 -2.40
N LYS B 253 -5.27 15.19 -2.53
CA LYS B 253 -4.47 15.66 -1.39
C LYS B 253 -5.24 16.61 -0.44
N SER B 254 -6.03 17.56 -1.00
CA SER B 254 -6.81 18.56 -0.28
C SER B 254 -7.77 17.97 0.76
N ASN B 255 -8.47 16.90 0.37
CA ASN B 255 -9.44 16.21 1.20
C ASN B 255 -8.82 15.03 1.94
N GLN B 256 -8.99 15.02 3.27
CA GLN B 256 -8.54 13.95 4.15
C GLN B 256 -9.77 13.08 4.41
N SER B 257 -9.75 11.85 3.90
CA SER B 257 -10.87 10.91 3.96
C SER B 257 -10.57 9.65 4.77
N GLN B 258 -11.64 8.98 5.22
CA GLN B 258 -11.56 7.71 5.94
C GLN B 258 -11.42 6.60 4.89
N SER B 259 -10.61 5.58 5.18
CA SER B 259 -10.35 4.51 4.22
C SER B 259 -10.48 3.10 4.77
N VAL B 260 -10.70 2.16 3.86
CA VAL B 260 -10.81 0.71 4.04
C VAL B 260 -10.06 0.02 2.90
N ALA B 261 -9.37 -1.08 3.22
CA ALA B 261 -8.64 -1.86 2.23
C ALA B 261 -9.17 -3.29 2.21
N TYR B 262 -9.44 -3.81 1.00
CA TYR B 262 -9.93 -5.16 0.81
C TYR B 262 -9.00 -5.97 -0.07
N ALA B 263 -8.80 -7.25 0.29
CA ALA B 263 -7.99 -8.18 -0.49
C ALA B 263 -8.81 -9.46 -0.82
N PRO B 264 -9.78 -9.38 -1.78
CA PRO B 264 -10.54 -10.60 -2.14
C PRO B 264 -9.63 -11.69 -2.68
N GLY B 265 -9.88 -12.92 -2.25
CA GLY B 265 -9.11 -14.08 -2.69
C GLY B 265 -9.47 -14.54 -4.09
N PRO B 266 -8.69 -15.47 -4.68
CA PRO B 266 -9.03 -15.94 -6.04
C PRO B 266 -10.38 -16.65 -6.06
N GLY B 267 -11.30 -16.10 -6.85
CA GLY B 267 -12.65 -16.63 -6.99
C GLY B 267 -13.69 -15.77 -6.31
N ASP B 268 -13.27 -15.01 -5.28
CA ASP B 268 -14.13 -14.10 -4.52
C ASP B 268 -14.44 -12.86 -5.35
N MET B 269 -15.67 -12.35 -5.25
CA MET B 269 -16.09 -11.17 -5.98
C MET B 269 -16.21 -9.95 -5.06
N LEU B 270 -15.85 -8.75 -5.55
CA LEU B 270 -16.00 -7.51 -4.83
C LEU B 270 -16.89 -6.57 -5.63
N LEU B 271 -18.13 -6.38 -5.16
CA LEU B 271 -19.12 -5.50 -5.79
C LEU B 271 -19.24 -4.29 -4.89
N PHE B 272 -18.97 -3.09 -5.41
CA PHE B 272 -19.00 -1.88 -4.59
C PHE B 272 -19.35 -0.63 -5.39
N ASN B 273 -19.70 0.45 -4.69
CA ASN B 273 -20.05 1.73 -5.29
C ASN B 273 -18.79 2.51 -5.66
N GLY B 274 -18.18 2.08 -6.77
CA GLY B 274 -16.97 2.69 -7.33
C GLY B 274 -17.23 3.99 -8.05
N GLY B 275 -18.49 4.18 -8.47
CA GLY B 275 -18.92 5.39 -9.15
C GLY B 275 -18.98 6.59 -8.24
N ARG B 276 -19.43 6.36 -6.99
CA ARG B 276 -19.58 7.39 -5.96
C ARG B 276 -18.28 7.60 -5.16
N TYR B 277 -17.62 6.51 -4.75
CA TYR B 277 -16.43 6.60 -3.89
C TYR B 277 -15.11 6.47 -4.62
N TYR B 278 -14.19 7.38 -4.30
CA TYR B 278 -12.84 7.39 -4.85
C TYR B 278 -12.13 6.16 -4.34
N HIS B 279 -11.46 5.45 -5.25
CA HIS B 279 -10.76 4.23 -4.90
C HIS B 279 -9.55 4.00 -5.77
N ARG B 280 -8.70 3.05 -5.37
CA ARG B 280 -7.47 2.66 -6.05
C ARG B 280 -7.11 1.21 -5.72
N VAL B 281 -6.09 0.69 -6.40
CA VAL B 281 -5.52 -0.62 -6.14
C VAL B 281 -4.06 -0.34 -5.81
N SER B 282 -3.65 -0.61 -4.57
CA SER B 282 -2.27 -0.33 -4.11
C SER B 282 -1.23 -1.18 -4.85
N GLU B 283 0.00 -0.70 -4.91
CA GLU B 283 1.17 -1.29 -5.56
C GLU B 283 1.33 -2.80 -5.27
N VAL B 284 1.55 -3.59 -6.33
CA VAL B 284 1.77 -5.04 -6.26
C VAL B 284 3.21 -5.27 -5.75
N ILE B 285 3.33 -6.06 -4.68
CA ILE B 285 4.60 -6.39 -4.03
C ILE B 285 4.92 -7.87 -4.28
N GLY B 286 6.12 -8.12 -4.78
CA GLY B 286 6.60 -9.47 -5.08
C GLY B 286 6.44 -9.86 -6.54
N ASN B 287 6.94 -11.07 -6.88
CA ASN B 287 6.95 -11.63 -8.23
C ASN B 287 5.55 -12.02 -8.76
N SER B 288 4.67 -12.58 -7.90
CA SER B 288 3.32 -13.03 -8.26
C SER B 288 2.42 -11.88 -8.75
N PRO B 289 2.00 -11.88 -10.04
CA PRO B 289 1.15 -10.79 -10.54
C PRO B 289 -0.30 -10.86 -10.05
N ARG B 290 -0.97 -9.70 -10.07
CA ARG B 290 -2.38 -9.59 -9.70
C ARG B 290 -3.20 -9.57 -11.00
N ARG B 291 -4.01 -10.60 -11.20
CA ARG B 291 -4.85 -10.73 -12.40
C ARG B 291 -6.30 -10.73 -11.95
N THR B 292 -7.08 -9.75 -12.42
CA THR B 292 -8.51 -9.66 -12.07
C THR B 292 -9.38 -9.59 -13.32
N ILE B 293 -10.60 -10.10 -13.22
CA ILE B 293 -11.60 -10.02 -14.28
C ILE B 293 -12.77 -9.20 -13.74
N GLY B 294 -13.11 -8.11 -14.40
CA GLY B 294 -14.21 -7.26 -13.92
C GLY B 294 -14.61 -6.13 -14.83
N GLY B 295 -15.43 -5.24 -14.28
CA GLY B 295 -15.93 -4.06 -14.98
C GLY B 295 -16.86 -3.22 -14.15
N PHE B 296 -17.88 -2.66 -14.81
CA PHE B 296 -18.88 -1.77 -14.22
C PHE B 296 -20.29 -2.35 -14.32
N LEU B 297 -21.24 -1.78 -13.57
CA LEU B 297 -22.64 -2.21 -13.46
C LEU B 297 -23.53 -0.97 -13.23
N ALA B 298 -24.73 -0.92 -13.87
CA ALA B 298 -25.69 0.20 -13.68
C ALA B 298 -27.14 -0.16 -14.05
N PHE B 299 -28.10 0.64 -13.56
CA PHE B 299 -29.52 0.48 -13.85
C PHE B 299 -29.89 1.06 -15.21
N SER B 300 -30.89 0.46 -15.88
CA SER B 300 -31.42 0.86 -17.18
C SER B 300 -32.16 2.21 -17.05
N LYS B 301 -32.40 2.88 -18.20
CA LYS B 301 -33.08 4.19 -18.34
C LYS B 301 -34.23 4.38 -17.36
N GLU B 302 -35.19 3.43 -17.33
CA GLU B 302 -36.33 3.50 -16.43
C GLU B 302 -36.29 2.40 -15.35
N ARG B 303 -35.06 2.10 -14.84
CA ARG B 303 -34.75 1.10 -13.80
C ARG B 303 -35.34 -0.31 -14.08
N ASN B 304 -35.54 -0.66 -15.38
CA ASN B 304 -36.09 -1.93 -15.86
C ASN B 304 -35.16 -3.11 -15.58
N LYS B 305 -33.87 -2.96 -15.91
CA LYS B 305 -32.88 -4.02 -15.79
C LYS B 305 -31.49 -3.51 -15.41
N ILE B 306 -30.53 -4.43 -15.27
CA ILE B 306 -29.15 -4.11 -14.94
C ILE B 306 -28.24 -4.38 -16.13
N TYR B 307 -27.45 -3.37 -16.52
CA TYR B 307 -26.48 -3.44 -17.60
C TYR B 307 -25.09 -3.54 -16.97
N TYR B 308 -24.32 -4.56 -17.36
CA TYR B 308 -22.95 -4.73 -16.85
C TYR B 308 -21.97 -4.79 -18.04
N TRP B 309 -20.94 -3.94 -18.00
CA TRP B 309 -19.96 -3.82 -19.08
C TRP B 309 -18.55 -3.60 -18.51
N SER B 310 -17.60 -3.19 -19.38
CA SER B 310 -16.22 -2.84 -19.03
C SER B 310 -15.61 -1.95 -20.11
C1 AKG C . 13.21 3.14 8.55
O1 AKG C . 13.27 2.49 9.62
O2 AKG C . 14.26 3.42 7.94
C2 AKG C . 11.87 3.56 7.97
O5 AKG C . 11.79 4.21 6.94
C3 AKG C . 10.63 3.17 8.78
C4 AKG C . 10.49 4.14 9.97
C5 AKG C . 9.40 3.63 10.91
O3 AKG C . 9.56 3.85 12.13
O4 AKG C . 8.44 3.04 10.38
CL CL D . 16.63 4.84 6.60
ZN ZN E . 14.23 4.45 6.37
C1 GOL F . 13.28 8.99 7.67
O1 GOL F . 13.03 7.88 8.53
C2 GOL F . 12.00 9.43 7.00
O2 GOL F . 11.04 9.80 7.99
C3 GOL F . 12.25 10.62 6.09
O3 GOL F . 12.82 10.21 4.85
C1 GOL G . 12.43 15.31 12.27
O1 GOL G . 11.95 15.38 10.94
C2 GOL G . 13.35 16.47 12.62
O2 GOL G . 14.54 16.39 11.83
C3 GOL G . 12.69 17.82 12.42
O3 GOL G . 11.73 18.06 13.44
C ACT H . 9.23 21.27 18.96
O ACT H . 9.41 22.17 19.80
OXT ACT H . 9.90 20.20 18.89
CH3 ACT H . 8.11 21.48 17.91
C ACT I . 13.31 21.64 20.71
O ACT I . 13.73 22.18 19.67
OXT ACT I . 12.11 21.49 21.03
CH3 ACT I . 14.35 21.11 21.70
C ACT J . 25.39 -3.01 26.34
O ACT J . 25.13 -1.79 26.46
OXT ACT J . 26.55 -3.49 26.25
CH3 ACT J . 24.20 -3.99 26.34
C ACT K . 26.98 -6.30 28.46
O ACT K . 27.90 -5.64 27.89
OXT ACT K . 25.82 -5.88 28.68
CH3 ACT K . 27.33 -7.73 28.92
C1 GOL L . -1.73 -2.11 1.12
O1 GOL L . -1.73 -3.10 0.11
C2 GOL L . -0.63 -1.09 0.92
O2 GOL L . -0.71 -0.11 1.97
C3 GOL L . 0.74 -1.74 0.93
O3 GOL L . 1.05 -2.29 -0.35
C1 AKG M . -12.78 -1.03 -9.86
O1 AKG M . -13.36 0.06 -10.01
O2 AKG M . -13.45 -2.08 -9.83
C2 AKG M . -11.26 -1.04 -9.75
O5 AKG M . -10.59 0.00 -9.80
C3 AKG M . -10.58 -2.41 -9.57
C4 AKG M . -9.99 -2.87 -10.91
C5 AKG M . -9.60 -4.35 -10.84
O3 AKG M . -9.05 -4.77 -9.79
O4 AKG M . -9.84 -5.04 -11.85
C1 GOL N . -6.66 10.33 3.11
O1 GOL N . -7.05 8.97 3.23
C2 GOL N . -6.79 10.81 1.69
O2 GOL N . -8.09 11.37 1.48
C3 GOL N . -5.72 11.83 1.35
O3 GOL N . -4.48 11.19 1.05
CL CL O . -14.61 2.80 -11.25
ZN ZN P . -12.52 1.75 -10.35
C ACT Q . -16.38 -22.69 -26.20
O ACT Q . -15.20 -22.68 -26.62
OXT ACT Q . -16.88 -23.58 -25.47
CH3 ACT Q . -17.30 -21.51 -26.59
C ACT R . -19.05 -23.49 -23.08
O ACT R . -17.91 -23.06 -22.75
OXT ACT R . -19.50 -24.63 -22.83
CH3 ACT R . -19.96 -22.52 -23.86
#